data_5AKZ
#
_entry.id   5AKZ
#
_cell.length_a   92.510
_cell.length_b   92.510
_cell.length_c   243.640
_cell.angle_alpha   90.00
_cell.angle_beta   90.00
_cell.angle_gamma   120.00
#
_symmetry.space_group_name_H-M   'P 65 2 2'
#
loop_
_entity.id
_entity.type
_entity.pdbx_description
1 polymer 'BIFUNCTIONAL EPOXIDE HYDROLASE 2'
2 non-polymer 'SULFATE ION'
3 non-polymer GLYCEROL
4 non-polymer 1-CYCLOHEXYL-3-METHYL-UREA
5 water water
#
_entity_poly.entity_id   1
_entity_poly.type   'polypeptide(L)'
_entity_poly.pdbx_seq_one_letter_code
;GMTLRAAVFDLDGVLALPAVFGVLGRTEEALALPRGLLNDAFQKGGPEGATTRLMKGEITLSQWIPLMEENCRKCSETAK
VCLPKNFSIKEIFDKAISARKINRPMLQAALMLRKKGFTTAILTNTWLDDRAERDGLAQLMCELKMHFDFLIESCQVGMV
KPEPQIYKFLLDTLKASPSEVVFLDDIGANLKPARDLGMVTILVQDTDTALKELEKVTGIQLLNTPAPLPTSCNPSDMSH
GYVTVKPRVRLHFVELGSGPAVCLCHGFPESWYSWRYQIPALAQAGYRVLAMDMKGYGESSAPPEIEEYCMEVLCKEMVT
FLDKLGLSQAVFIGHDWGGMLVWYMALFYPERVRAVASLNTPFIPANPNMSPLESIKANPVFDYQLYFQEPGVAEAELEQ
NLSRTFKSLFRASDESVLSMHKVCEAGGLFVNSPEEPSLSRMVTEEEIQFYVQQFKKSGFRGPLNWYRNMERNWKWACKS
LGRKILIPALMVTAEKDFVLVPQMSQHMEDWIPHLKRGHIEDCGHWTQMDKPTEVNQILIKWLDSDARN
;
_entity_poly.pdbx_strand_id   A
#
loop_
_chem_comp.id
_chem_comp.type
_chem_comp.name
_chem_comp.formula
6NX non-polymer 1-CYCLOHEXYL-3-METHYL-UREA 'C8 H16 N2 O'
GOL non-polymer GLYCEROL 'C3 H8 O3'
SO4 non-polymer 'SULFATE ION' 'O4 S -2'
#
# COMPACT_ATOMS: atom_id res chain seq x y z
N THR A 3 -19.66 16.13 23.10
CA THR A 3 -19.27 16.05 21.69
C THR A 3 -18.25 14.94 21.41
N LEU A 4 -18.58 14.09 20.42
CA LEU A 4 -17.81 12.92 20.02
C LEU A 4 -16.44 13.23 19.46
N ARG A 5 -15.42 12.48 19.94
CA ARG A 5 -14.03 12.52 19.47
C ARG A 5 -13.39 11.12 19.36
N ALA A 6 -14.14 10.08 19.73
CA ALA A 6 -13.67 8.70 19.63
C ALA A 6 -14.72 7.74 19.13
N ALA A 7 -14.31 6.77 18.29
CA ALA A 7 -15.20 5.74 17.77
C ALA A 7 -14.55 4.40 18.00
N VAL A 8 -15.30 3.49 18.61
CA VAL A 8 -14.85 2.15 18.98
C VAL A 8 -15.64 1.15 18.15
N PHE A 9 -14.94 0.16 17.59
CA PHE A 9 -15.54 -0.88 16.78
C PHE A 9 -15.24 -2.27 17.28
N ASP A 10 -16.24 -3.15 17.22
CA ASP A 10 -16.03 -4.56 17.54
C ASP A 10 -15.39 -5.18 16.27
N LEU A 11 -14.83 -6.38 16.37
CA LEU A 11 -14.24 -7.05 15.21
C LEU A 11 -15.30 -7.94 14.55
N ASP A 12 -15.69 -9.03 15.23
CA ASP A 12 -16.68 -9.99 14.73
C ASP A 12 -18.06 -9.37 14.55
N GLY A 13 -18.59 -9.47 13.33
CA GLY A 13 -19.88 -8.90 12.98
C GLY A 13 -19.93 -7.40 12.81
N VAL A 14 -18.78 -6.71 12.96
CA VAL A 14 -18.73 -5.26 12.79
C VAL A 14 -17.66 -4.90 11.75
N LEU A 15 -16.36 -5.04 12.08
CA LEU A 15 -15.28 -4.76 11.14
C LEU A 15 -14.95 -5.96 10.25
N ALA A 16 -15.45 -7.17 10.63
CA ALA A 16 -15.21 -8.41 9.91
C ALA A 16 -16.49 -9.24 9.77
N LEU A 17 -16.77 -9.68 8.52
CA LEU A 17 -17.95 -10.45 8.16
C LEU A 17 -17.64 -11.68 7.30
N PRO A 18 -18.45 -12.77 7.38
CA PRO A 18 -19.56 -13.00 8.33
C PRO A 18 -19.05 -13.24 9.75
N ALA A 19 -19.89 -12.94 10.75
CA ALA A 19 -19.58 -13.16 12.14
C ALA A 19 -19.38 -14.65 12.39
N VAL A 20 -18.26 -15.01 13.06
CA VAL A 20 -17.90 -16.39 13.41
C VAL A 20 -19.05 -17.07 14.22
N PHE A 21 -19.80 -16.27 15.01
CA PHE A 21 -20.99 -16.68 15.79
C PHE A 21 -22.11 -17.21 14.87
N GLY A 22 -22.31 -16.53 13.73
CA GLY A 22 -23.31 -16.87 12.72
C GLY A 22 -23.05 -18.18 11.98
N VAL A 23 -21.82 -18.72 12.11
CA VAL A 23 -21.39 -19.98 11.51
C VAL A 23 -21.94 -21.14 12.33
N LEU A 24 -22.00 -20.98 13.67
CA LEU A 24 -22.53 -21.98 14.59
C LEU A 24 -24.01 -22.30 14.29
N GLY A 25 -24.79 -21.25 13.97
CA GLY A 25 -26.20 -21.35 13.59
C GLY A 25 -26.36 -21.99 12.22
N ARG A 26 -25.48 -21.62 11.27
CA ARG A 26 -25.46 -22.17 9.91
C ARG A 26 -25.10 -23.65 9.91
N THR A 27 -24.17 -24.03 10.80
CA THR A 27 -23.73 -25.42 10.99
C THR A 27 -24.88 -26.25 11.56
N GLU A 28 -25.62 -25.68 12.56
CA GLU A 28 -26.79 -26.34 13.17
C GLU A 28 -27.79 -26.70 12.07
N GLU A 29 -28.15 -25.70 11.20
CA GLU A 29 -29.07 -25.82 10.07
C GLU A 29 -28.60 -26.84 9.01
N ALA A 30 -27.30 -26.80 8.63
CA ALA A 30 -26.73 -27.72 7.64
C ALA A 30 -26.72 -29.17 8.15
N LEU A 31 -26.39 -29.36 9.44
CA LEU A 31 -26.35 -30.68 10.06
C LEU A 31 -27.70 -31.12 10.64
N ALA A 32 -28.75 -30.25 10.51
CA ALA A 32 -30.10 -30.47 11.03
C ALA A 32 -30.08 -30.80 12.54
N LEU A 33 -29.22 -30.11 13.28
CA LEU A 33 -29.10 -30.27 14.73
C LEU A 33 -30.14 -29.35 15.40
N PRO A 34 -30.55 -29.60 16.68
CA PRO A 34 -31.49 -28.67 17.33
C PRO A 34 -30.99 -27.23 17.29
N ARG A 35 -31.92 -26.31 17.05
CA ARG A 35 -31.61 -24.90 16.97
C ARG A 35 -30.94 -24.47 18.29
N GLY A 36 -29.85 -23.72 18.17
CA GLY A 36 -29.11 -23.20 19.31
C GLY A 36 -28.17 -24.16 20.04
N LEU A 37 -28.15 -25.46 19.68
CA LEU A 37 -27.29 -26.49 20.30
C LEU A 37 -25.79 -26.08 20.33
N LEU A 38 -25.27 -25.57 19.18
CA LEU A 38 -23.87 -25.17 19.06
C LEU A 38 -23.55 -23.89 19.81
N ASN A 39 -24.44 -22.87 19.70
CA ASN A 39 -24.28 -21.61 20.41
C ASN A 39 -24.43 -21.77 21.93
N ASP A 40 -25.26 -22.75 22.36
CA ASP A 40 -25.46 -23.06 23.78
C ASP A 40 -24.22 -23.79 24.35
N ALA A 41 -23.64 -24.72 23.57
CA ALA A 41 -22.42 -25.43 23.98
C ALA A 41 -21.24 -24.45 24.05
N PHE A 42 -21.19 -23.47 23.12
CA PHE A 42 -20.17 -22.41 23.04
C PHE A 42 -20.16 -21.53 24.28
N GLN A 43 -21.34 -21.11 24.76
CA GLN A 43 -21.42 -20.25 25.92
C GLN A 43 -21.58 -21.00 27.28
N LYS A 44 -21.55 -22.36 27.26
CA LYS A 44 -21.71 -23.22 28.45
C LYS A 44 -20.82 -22.84 29.65
N GLY A 45 -21.46 -22.63 30.79
CA GLY A 45 -20.79 -22.28 32.05
C GLY A 45 -20.57 -20.79 32.23
N GLY A 46 -21.04 -19.99 31.27
CA GLY A 46 -20.93 -18.53 31.24
C GLY A 46 -19.57 -17.98 31.65
N PRO A 47 -19.54 -17.11 32.69
CA PRO A 47 -18.25 -16.55 33.15
C PRO A 47 -17.23 -17.55 33.66
N GLU A 48 -17.69 -18.73 34.07
CA GLU A 48 -16.88 -19.82 34.60
C GLU A 48 -16.49 -20.85 33.51
N GLY A 49 -17.16 -20.77 32.36
CA GLY A 49 -16.98 -21.70 31.25
C GLY A 49 -15.68 -21.56 30.49
N ALA A 50 -15.40 -22.59 29.65
CA ALA A 50 -14.21 -22.72 28.81
C ALA A 50 -14.01 -21.55 27.84
N THR A 51 -15.12 -21.01 27.28
CA THR A 51 -15.07 -19.89 26.33
C THR A 51 -14.57 -18.62 26.98
N THR A 52 -14.97 -18.33 28.24
CA THR A 52 -14.49 -17.15 28.97
C THR A 52 -12.99 -17.27 29.24
N ARG A 53 -12.54 -18.48 29.63
CA ARG A 53 -11.14 -18.82 29.86
C ARG A 53 -10.31 -18.56 28.59
N LEU A 54 -10.84 -18.97 27.43
CA LEU A 54 -10.23 -18.76 26.13
C LEU A 54 -10.14 -17.25 25.81
N MET A 55 -11.28 -16.54 25.94
CA MET A 55 -11.37 -15.11 25.64
C MET A 55 -10.54 -14.22 26.57
N LYS A 56 -10.26 -14.68 27.79
CA LYS A 56 -9.47 -13.97 28.80
C LYS A 56 -7.98 -14.24 28.64
N GLY A 57 -7.64 -15.28 27.85
CA GLY A 57 -6.27 -15.68 27.53
C GLY A 57 -5.68 -16.73 28.44
N GLU A 58 -6.52 -17.38 29.26
CA GLU A 58 -6.08 -18.41 30.21
C GLU A 58 -5.60 -19.64 29.47
N ILE A 59 -6.25 -19.93 28.35
CA ILE A 59 -5.97 -21.08 27.50
C ILE A 59 -5.93 -20.62 26.03
N THR A 60 -5.29 -21.43 25.17
CA THR A 60 -5.20 -21.14 23.73
C THR A 60 -6.35 -21.83 22.99
N LEU A 61 -6.60 -21.41 21.72
CA LEU A 61 -7.64 -21.99 20.85
C LEU A 61 -7.54 -23.52 20.73
N SER A 62 -6.33 -24.08 20.53
CA SER A 62 -6.13 -25.52 20.43
C SER A 62 -6.47 -26.29 21.69
N GLN A 63 -6.23 -25.68 22.87
CA GLN A 63 -6.59 -26.24 24.16
C GLN A 63 -8.11 -26.22 24.36
N TRP A 64 -8.79 -25.19 23.81
CA TRP A 64 -10.23 -25.00 23.91
C TRP A 64 -11.06 -25.97 23.06
N ILE A 65 -10.59 -26.29 21.85
CA ILE A 65 -11.25 -27.21 20.88
C ILE A 65 -11.82 -28.46 21.57
N PRO A 66 -11.03 -29.29 22.32
CA PRO A 66 -11.63 -30.47 22.98
C PRO A 66 -12.66 -30.15 24.06
N LEU A 67 -12.52 -28.98 24.74
CA LEU A 67 -13.47 -28.55 25.77
C LEU A 67 -14.84 -28.19 25.17
N MET A 68 -14.80 -27.56 23.97
CA MET A 68 -15.96 -27.23 23.16
C MET A 68 -16.65 -28.52 22.67
N GLU A 69 -15.84 -29.53 22.27
CA GLU A 69 -16.31 -30.85 21.85
C GLU A 69 -17.09 -31.55 22.99
N GLU A 70 -16.55 -31.51 24.23
CA GLU A 70 -17.19 -32.06 25.41
C GLU A 70 -18.50 -31.33 25.76
N ASN A 71 -18.52 -29.99 25.59
CA ASN A 71 -19.72 -29.18 25.82
C ASN A 71 -20.81 -29.54 24.82
N CYS A 72 -20.43 -29.82 23.55
CA CYS A 72 -21.31 -30.22 22.46
C CYS A 72 -21.90 -31.60 22.72
N ARG A 73 -21.10 -32.54 23.24
CA ARG A 73 -21.57 -33.87 23.63
C ARG A 73 -22.63 -33.74 24.77
N LYS A 74 -22.30 -32.98 25.84
CA LYS A 74 -23.16 -32.71 27.00
C LYS A 74 -24.51 -32.12 26.58
N CYS A 75 -24.47 -31.11 25.68
CA CYS A 75 -25.64 -30.43 25.13
C CYS A 75 -26.51 -31.39 24.32
N SER A 76 -25.89 -32.17 23.40
CA SER A 76 -26.62 -33.15 22.56
C SER A 76 -27.28 -34.25 23.42
N GLU A 77 -26.62 -34.64 24.53
CA GLU A 77 -27.10 -35.64 25.49
C GLU A 77 -28.40 -35.15 26.16
N THR A 78 -28.41 -33.88 26.63
CA THR A 78 -29.55 -33.21 27.27
C THR A 78 -30.72 -33.02 26.28
N ALA A 79 -30.41 -32.60 25.03
CA ALA A 79 -31.38 -32.38 23.94
C ALA A 79 -31.90 -33.71 23.38
N LYS A 80 -31.38 -34.86 23.87
CA LYS A 80 -31.70 -36.23 23.44
C LYS A 80 -31.52 -36.41 21.92
N VAL A 81 -30.38 -35.88 21.41
CA VAL A 81 -29.98 -35.92 20.00
C VAL A 81 -28.56 -36.49 19.87
N CYS A 82 -28.18 -36.88 18.64
CA CYS A 82 -26.85 -37.40 18.36
C CYS A 82 -26.11 -36.49 17.39
N LEU A 83 -24.82 -36.22 17.67
CA LEU A 83 -23.96 -35.42 16.80
C LEU A 83 -23.54 -36.34 15.64
N PRO A 84 -23.30 -35.80 14.42
CA PRO A 84 -22.93 -36.67 13.27
C PRO A 84 -21.67 -37.52 13.44
N LYS A 85 -21.48 -38.50 12.52
CA LYS A 85 -20.37 -39.45 12.47
C LYS A 85 -18.99 -38.77 12.52
N ASN A 86 -18.78 -37.70 11.71
CA ASN A 86 -17.50 -36.98 11.61
C ASN A 86 -17.57 -35.49 11.99
N PHE A 87 -18.27 -35.21 13.10
CA PHE A 87 -18.44 -33.88 13.69
C PHE A 87 -17.09 -33.41 14.23
N SER A 88 -16.58 -32.28 13.68
CA SER A 88 -15.31 -31.68 14.05
C SER A 88 -15.41 -30.16 14.27
N ILE A 89 -15.11 -29.73 15.51
CA ILE A 89 -15.11 -28.32 15.94
C ILE A 89 -13.98 -27.59 15.23
N LYS A 90 -12.82 -28.26 15.08
CA LYS A 90 -11.65 -27.72 14.36
C LYS A 90 -12.04 -27.31 12.96
N GLU A 91 -12.67 -28.24 12.18
CA GLU A 91 -13.13 -28.02 10.80
C GLU A 91 -14.09 -26.84 10.72
N ILE A 92 -15.11 -26.82 11.61
CA ILE A 92 -16.13 -25.76 11.71
C ILE A 92 -15.46 -24.38 11.90
N PHE A 93 -14.58 -24.25 12.90
CA PHE A 93 -13.87 -23.01 13.17
C PHE A 93 -12.82 -22.63 12.12
N ASP A 94 -12.10 -23.61 11.53
CA ASP A 94 -11.14 -23.30 10.44
C ASP A 94 -11.86 -22.62 9.29
N LYS A 95 -13.01 -23.20 8.88
CA LYS A 95 -13.88 -22.73 7.80
C LYS A 95 -14.46 -21.36 8.14
N ALA A 96 -15.07 -21.22 9.35
CA ALA A 96 -15.64 -19.96 9.86
C ALA A 96 -14.62 -18.81 9.76
N ILE A 97 -13.40 -19.05 10.30
CA ILE A 97 -12.31 -18.09 10.34
C ILE A 97 -11.81 -17.70 8.94
N SER A 98 -11.56 -18.68 8.03
CA SER A 98 -11.12 -18.34 6.67
C SER A 98 -12.18 -17.61 5.86
N ALA A 99 -13.47 -17.88 6.13
CA ALA A 99 -14.59 -17.24 5.43
C ALA A 99 -14.73 -15.77 5.83
N ARG A 100 -14.34 -15.42 7.07
CA ARG A 100 -14.44 -14.08 7.61
C ARG A 100 -13.45 -13.12 6.95
N LYS A 101 -13.99 -12.04 6.35
CA LYS A 101 -13.25 -11.01 5.61
C LYS A 101 -13.56 -9.64 6.21
N ILE A 102 -12.75 -8.62 5.87
CA ILE A 102 -12.93 -7.24 6.32
C ILE A 102 -14.22 -6.72 5.72
N ASN A 103 -15.04 -6.05 6.55
CA ASN A 103 -16.27 -5.39 6.15
C ASN A 103 -15.77 -4.04 5.65
N ARG A 104 -15.41 -3.96 4.35
CA ARG A 104 -14.85 -2.76 3.72
C ARG A 104 -15.57 -1.43 3.97
N PRO A 105 -16.92 -1.28 3.80
CA PRO A 105 -17.56 0.01 4.11
C PRO A 105 -17.42 0.43 5.59
N MET A 106 -17.37 -0.55 6.53
CA MET A 106 -17.17 -0.26 7.96
C MET A 106 -15.75 0.30 8.18
N LEU A 107 -14.72 -0.33 7.58
CA LEU A 107 -13.32 0.18 7.66
C LEU A 107 -13.22 1.57 7.05
N GLN A 108 -13.90 1.82 5.91
CA GLN A 108 -13.92 3.12 5.23
C GLN A 108 -14.47 4.22 6.16
N ALA A 109 -15.60 3.91 6.86
CA ALA A 109 -16.20 4.84 7.82
C ALA A 109 -15.21 5.10 8.99
N ALA A 110 -14.52 4.06 9.49
CA ALA A 110 -13.51 4.21 10.54
C ALA A 110 -12.36 5.10 10.05
N LEU A 111 -11.92 4.87 8.79
CA LEU A 111 -10.86 5.65 8.11
C LEU A 111 -11.24 7.12 8.01
N MET A 112 -12.47 7.40 7.58
CA MET A 112 -13.03 8.75 7.45
C MET A 112 -13.11 9.47 8.82
N LEU A 113 -13.65 8.81 9.86
CA LEU A 113 -13.73 9.41 11.21
C LEU A 113 -12.34 9.75 11.73
N ARG A 114 -11.36 8.85 11.51
CA ARG A 114 -9.97 9.09 11.93
C ARG A 114 -9.33 10.27 11.18
N LYS A 115 -9.61 10.39 9.87
CA LYS A 115 -9.13 11.47 8.99
C LYS A 115 -9.72 12.81 9.45
N LYS A 116 -10.96 12.79 9.97
CA LYS A 116 -11.65 13.96 10.51
C LYS A 116 -11.30 14.29 11.99
N GLY A 117 -10.26 13.63 12.53
CA GLY A 117 -9.77 13.92 13.87
C GLY A 117 -10.15 13.00 15.01
N PHE A 118 -11.01 11.98 14.77
CA PHE A 118 -11.39 11.02 15.80
C PHE A 118 -10.24 10.09 16.17
N THR A 119 -10.23 9.63 17.43
CA THR A 119 -9.34 8.59 17.96
C THR A 119 -10.16 7.33 17.69
N THR A 120 -9.58 6.33 17.00
CA THR A 120 -10.37 5.13 16.71
C THR A 120 -9.76 3.92 17.39
N ALA A 121 -10.59 2.93 17.69
CA ALA A 121 -10.10 1.72 18.36
C ALA A 121 -10.91 0.50 18.03
N ILE A 122 -10.26 -0.66 18.13
CA ILE A 122 -10.93 -1.95 17.96
C ILE A 122 -10.93 -2.54 19.35
N LEU A 123 -12.13 -2.89 19.86
CA LEU A 123 -12.24 -3.57 21.14
C LEU A 123 -12.86 -4.93 20.81
N THR A 124 -12.11 -6.01 21.08
CA THR A 124 -12.55 -7.35 20.72
C THR A 124 -12.35 -8.46 21.73
N ASN A 125 -13.36 -9.35 21.79
CA ASN A 125 -13.31 -10.59 22.55
C ASN A 125 -12.69 -11.55 21.55
N THR A 126 -11.41 -11.87 21.76
CA THR A 126 -10.66 -12.76 20.88
C THR A 126 -9.83 -13.75 21.68
N TRP A 127 -9.14 -14.63 20.97
CA TRP A 127 -8.38 -15.73 21.54
C TRP A 127 -6.93 -15.73 21.06
N LEU A 128 -6.08 -16.52 21.76
CA LEU A 128 -4.71 -16.79 21.40
C LEU A 128 -4.75 -17.96 20.42
N ASP A 129 -4.58 -17.67 19.14
CA ASP A 129 -4.68 -18.65 18.06
C ASP A 129 -3.37 -19.35 17.75
N ASP A 130 -3.32 -20.65 18.08
CA ASP A 130 -2.15 -21.51 17.86
C ASP A 130 -2.42 -22.66 16.88
N ARG A 131 -3.50 -22.54 16.09
CA ARG A 131 -3.90 -23.52 15.05
C ARG A 131 -2.83 -23.49 13.97
N ALA A 132 -2.66 -24.60 13.22
CA ALA A 132 -1.72 -24.67 12.10
C ALA A 132 -2.03 -23.59 11.06
N GLU A 133 -3.31 -23.20 10.95
CA GLU A 133 -3.80 -22.19 10.00
C GLU A 133 -4.05 -20.77 10.56
N ARG A 134 -3.43 -20.46 11.74
CA ARG A 134 -3.49 -19.16 12.46
C ARG A 134 -3.01 -17.94 11.64
N ASP A 135 -2.17 -18.17 10.61
CA ASP A 135 -1.66 -17.10 9.75
C ASP A 135 -2.75 -16.27 9.05
N GLY A 136 -3.82 -16.92 8.59
CA GLY A 136 -4.95 -16.25 7.94
C GLY A 136 -5.53 -15.12 8.78
N LEU A 137 -5.83 -15.40 10.07
CA LEU A 137 -6.32 -14.43 11.04
C LEU A 137 -5.25 -13.36 11.32
N ALA A 138 -3.95 -13.78 11.47
CA ALA A 138 -2.83 -12.89 11.75
C ALA A 138 -2.74 -11.82 10.66
N GLN A 139 -2.88 -12.24 9.38
CA GLN A 139 -2.90 -11.38 8.21
C GLN A 139 -4.06 -10.38 8.32
N LEU A 140 -5.28 -10.89 8.64
CA LEU A 140 -6.50 -10.07 8.78
C LEU A 140 -6.31 -8.99 9.83
N MET A 141 -5.84 -9.39 11.04
CA MET A 141 -5.62 -8.48 12.17
C MET A 141 -4.58 -7.43 11.84
N CYS A 142 -3.48 -7.87 11.18
CA CYS A 142 -2.36 -7.04 10.74
C CYS A 142 -2.87 -5.95 9.80
N GLU A 143 -3.71 -6.33 8.80
CA GLU A 143 -4.31 -5.39 7.86
C GLU A 143 -5.22 -4.37 8.54
N LEU A 144 -6.16 -4.85 9.37
CA LEU A 144 -7.11 -4.01 10.10
C LEU A 144 -6.46 -3.07 11.11
N LYS A 145 -5.60 -3.58 12.03
CA LYS A 145 -5.01 -2.81 13.13
C LYS A 145 -4.30 -1.53 12.74
N MET A 146 -3.57 -1.56 11.59
CA MET A 146 -2.78 -0.43 11.04
C MET A 146 -3.58 0.88 10.87
N HIS A 147 -4.89 0.74 10.67
CA HIS A 147 -5.82 1.85 10.43
C HIS A 147 -6.42 2.42 11.70
N PHE A 148 -6.06 1.85 12.89
CA PHE A 148 -6.64 2.27 14.17
C PHE A 148 -5.58 2.76 15.17
N ASP A 149 -6.00 3.61 16.11
CA ASP A 149 -5.09 4.16 17.14
C ASP A 149 -4.79 3.11 18.18
N PHE A 150 -5.79 2.27 18.49
CA PHE A 150 -5.65 1.20 19.48
C PHE A 150 -6.36 -0.08 19.04
N LEU A 151 -5.84 -1.22 19.49
CA LEU A 151 -6.41 -2.53 19.33
C LEU A 151 -6.40 -3.13 20.75
N ILE A 152 -7.58 -3.41 21.28
CA ILE A 152 -7.69 -3.98 22.64
C ILE A 152 -8.29 -5.33 22.45
N GLU A 153 -7.52 -6.36 22.83
CA GLU A 153 -7.89 -7.76 22.71
C GLU A 153 -8.08 -8.33 24.08
N SER A 154 -9.28 -8.89 24.31
CA SER A 154 -9.67 -9.52 25.57
C SER A 154 -8.60 -10.49 26.10
N CYS A 155 -8.08 -11.40 25.24
CA CYS A 155 -7.08 -12.43 25.60
C CYS A 155 -5.73 -11.84 26.01
N GLN A 156 -5.51 -10.56 25.68
CA GLN A 156 -4.28 -9.86 26.02
C GLN A 156 -4.41 -9.06 27.31
N VAL A 157 -5.62 -8.55 27.59
CA VAL A 157 -5.90 -7.76 28.80
C VAL A 157 -6.48 -8.58 29.97
N GLY A 158 -6.76 -9.88 29.75
CA GLY A 158 -7.32 -10.79 30.74
C GLY A 158 -8.70 -10.39 31.24
N MET A 159 -9.43 -9.63 30.39
CA MET A 159 -10.77 -9.09 30.67
C MET A 159 -11.64 -9.39 29.46
N VAL A 160 -12.95 -9.45 29.65
CA VAL A 160 -13.83 -9.80 28.56
C VAL A 160 -15.09 -8.93 28.54
N LYS A 161 -15.69 -8.71 27.37
CA LYS A 161 -16.99 -8.03 27.28
C LYS A 161 -18.01 -9.12 27.68
N PRO A 162 -19.07 -8.85 28.48
CA PRO A 162 -19.57 -7.56 28.97
C PRO A 162 -19.12 -7.11 30.38
N GLU A 163 -17.98 -7.61 30.91
CA GLU A 163 -17.49 -7.20 32.24
C GLU A 163 -17.20 -5.70 32.27
N PRO A 164 -17.68 -4.97 33.31
CA PRO A 164 -17.51 -3.52 33.35
C PRO A 164 -16.08 -2.95 33.28
N GLN A 165 -15.09 -3.72 33.75
CA GLN A 165 -13.66 -3.36 33.80
C GLN A 165 -13.01 -3.13 32.43
N ILE A 166 -13.42 -3.89 31.40
CA ILE A 166 -12.89 -3.73 30.04
C ILE A 166 -13.31 -2.37 29.46
N TYR A 167 -14.53 -1.88 29.82
CA TYR A 167 -15.08 -0.60 29.39
C TYR A 167 -14.37 0.56 30.04
N LYS A 168 -14.01 0.40 31.33
CA LYS A 168 -13.24 1.39 32.08
C LYS A 168 -11.80 1.39 31.53
N PHE A 169 -11.27 0.19 31.14
CA PHE A 169 -9.94 0.03 30.53
C PHE A 169 -9.93 0.77 29.17
N LEU A 170 -11.00 0.56 28.37
CA LEU A 170 -11.20 1.23 27.07
C LEU A 170 -11.11 2.77 27.23
N LEU A 171 -11.90 3.33 28.16
CA LEU A 171 -11.93 4.77 28.42
C LEU A 171 -10.59 5.33 28.83
N ASP A 172 -9.85 4.57 29.67
CA ASP A 172 -8.51 4.95 30.10
C ASP A 172 -7.52 4.96 28.91
N THR A 173 -7.63 3.97 28.01
CA THR A 173 -6.79 3.89 26.80
C THR A 173 -7.09 5.08 25.88
N LEU A 174 -8.39 5.45 25.75
CA LEU A 174 -8.83 6.55 24.88
C LEU A 174 -8.54 7.92 25.43
N LYS A 175 -8.41 8.05 26.79
CA LYS A 175 -8.23 9.32 27.52
C LYS A 175 -9.44 10.20 27.14
N ALA A 176 -10.64 9.60 27.23
CA ALA A 176 -11.91 10.20 26.87
C ALA A 176 -13.00 9.87 27.86
N SER A 177 -13.91 10.83 28.08
CA SER A 177 -15.05 10.63 28.97
C SER A 177 -16.11 9.86 28.17
N PRO A 178 -16.93 8.97 28.78
CA PRO A 178 -17.87 8.18 27.99
C PRO A 178 -18.75 8.90 26.97
N SER A 179 -19.19 10.14 27.28
CA SER A 179 -20.06 10.94 26.41
C SER A 179 -19.39 11.33 25.07
N GLU A 180 -18.04 11.24 24.99
CA GLU A 180 -17.24 11.54 23.80
C GLU A 180 -17.03 10.28 22.89
N VAL A 181 -17.59 9.12 23.28
CA VAL A 181 -17.36 7.87 22.58
C VAL A 181 -18.61 7.27 21.92
N VAL A 182 -18.43 6.77 20.65
CA VAL A 182 -19.40 5.98 19.90
C VAL A 182 -18.84 4.59 19.98
N PHE A 183 -19.68 3.65 20.33
CA PHE A 183 -19.31 2.26 20.47
C PHE A 183 -20.25 1.42 19.59
N LEU A 184 -19.67 0.65 18.65
CA LEU A 184 -20.41 -0.17 17.69
C LEU A 184 -20.17 -1.64 17.95
N ASP A 185 -21.26 -2.39 18.13
CA ASP A 185 -21.21 -3.81 18.44
C ASP A 185 -22.44 -4.52 17.86
N ASP A 186 -22.29 -5.79 17.46
CA ASP A 186 -23.40 -6.58 16.94
C ASP A 186 -24.12 -7.35 18.08
N ILE A 187 -23.49 -7.42 19.29
CA ILE A 187 -24.04 -8.11 20.46
C ILE A 187 -24.57 -7.07 21.45
N GLY A 188 -25.89 -7.02 21.55
CA GLY A 188 -26.64 -6.09 22.41
C GLY A 188 -26.24 -6.14 23.87
N ALA A 189 -25.93 -7.36 24.35
CA ALA A 189 -25.47 -7.60 25.72
C ALA A 189 -24.11 -6.89 25.98
N ASN A 190 -23.23 -6.86 24.96
CA ASN A 190 -21.88 -6.24 25.04
C ASN A 190 -21.91 -4.72 24.84
N LEU A 191 -23.03 -4.23 24.34
CA LEU A 191 -23.31 -2.82 24.08
C LEU A 191 -23.85 -2.18 25.35
N LYS A 192 -24.68 -2.94 26.10
CA LYS A 192 -25.33 -2.57 27.36
C LYS A 192 -24.37 -1.88 28.37
N PRO A 193 -23.14 -2.40 28.71
CA PRO A 193 -22.31 -1.67 29.68
C PRO A 193 -21.76 -0.34 29.20
N ALA A 194 -21.58 -0.17 27.86
CA ALA A 194 -21.11 1.08 27.29
C ALA A 194 -22.20 2.13 27.41
N ARG A 195 -23.47 1.75 27.09
CA ARG A 195 -24.68 2.58 27.19
C ARG A 195 -24.83 3.07 28.66
N ASP A 196 -24.81 2.12 29.62
CA ASP A 196 -24.90 2.35 31.08
C ASP A 196 -23.85 3.37 31.58
N LEU A 197 -22.66 3.43 30.95
CA LEU A 197 -21.60 4.39 31.27
C LEU A 197 -21.85 5.78 30.64
N GLY A 198 -22.78 5.86 29.66
CA GLY A 198 -23.10 7.10 28.97
C GLY A 198 -22.49 7.22 27.58
N MET A 199 -21.99 6.10 27.03
CA MET A 199 -21.42 6.08 25.68
C MET A 199 -22.55 6.01 24.66
N VAL A 200 -22.35 6.64 23.48
CA VAL A 200 -23.31 6.53 22.35
C VAL A 200 -23.06 5.12 21.82
N THR A 201 -24.12 4.34 21.66
CA THR A 201 -24.02 2.95 21.22
C THR A 201 -24.83 2.72 19.97
N ILE A 202 -24.31 1.84 19.10
CA ILE A 202 -24.96 1.46 17.86
C ILE A 202 -25.01 -0.06 17.80
N LEU A 203 -26.21 -0.62 17.68
CA LEU A 203 -26.36 -2.07 17.52
C LEU A 203 -26.24 -2.29 16.04
N VAL A 204 -25.22 -3.06 15.63
CA VAL A 204 -24.90 -3.32 14.23
C VAL A 204 -25.58 -4.61 13.78
N GLN A 205 -26.55 -4.50 12.87
CA GLN A 205 -27.16 -5.66 12.24
C GLN A 205 -26.62 -5.56 10.81
N ASP A 206 -27.26 -4.79 9.92
CA ASP A 206 -26.71 -4.54 8.58
C ASP A 206 -25.83 -3.30 8.68
N THR A 207 -24.75 -3.28 7.91
CA THR A 207 -23.77 -2.20 7.88
C THR A 207 -24.36 -0.83 7.53
N ASP A 208 -25.21 -0.78 6.48
CA ASP A 208 -25.82 0.48 6.01
C ASP A 208 -26.58 1.24 7.10
N THR A 209 -27.42 0.53 7.88
CA THR A 209 -28.21 1.14 8.98
C THR A 209 -27.28 1.67 10.08
N ALA A 210 -26.28 0.85 10.46
CA ALA A 210 -25.26 1.20 11.45
C ALA A 210 -24.51 2.44 11.02
N LEU A 211 -24.12 2.52 9.74
CA LEU A 211 -23.42 3.67 9.19
C LEU A 211 -24.33 4.91 9.11
N LYS A 212 -25.67 4.71 8.91
CA LYS A 212 -26.66 5.80 8.89
C LYS A 212 -26.73 6.38 10.29
N GLU A 213 -26.83 5.49 11.32
CA GLU A 213 -26.86 5.91 12.74
C GLU A 213 -25.54 6.63 13.09
N LEU A 214 -24.41 6.07 12.61
CA LEU A 214 -23.07 6.62 12.86
C LEU A 214 -22.87 8.02 12.27
N GLU A 215 -23.34 8.25 11.02
CA GLU A 215 -23.16 9.58 10.42
C GLU A 215 -24.09 10.64 11.01
N LYS A 216 -25.31 10.21 11.41
CA LYS A 216 -26.31 11.06 12.06
C LYS A 216 -25.77 11.56 13.41
N VAL A 217 -25.16 10.65 14.18
CA VAL A 217 -24.60 10.97 15.49
C VAL A 217 -23.26 11.75 15.47
N THR A 218 -22.41 11.54 14.45
CA THR A 218 -21.11 12.24 14.33
C THR A 218 -21.17 13.56 13.55
N GLY A 219 -22.13 13.67 12.64
CA GLY A 219 -22.28 14.84 11.77
C GLY A 219 -21.31 14.84 10.60
N ILE A 220 -20.72 13.66 10.33
CA ILE A 220 -19.74 13.41 9.26
C ILE A 220 -20.34 12.43 8.25
N GLN A 221 -20.22 12.75 6.96
CA GLN A 221 -20.68 11.96 5.83
C GLN A 221 -19.87 10.65 5.76
N LEU A 222 -20.54 9.50 5.89
CA LEU A 222 -19.84 8.23 5.86
C LEU A 222 -20.42 7.34 4.79
N LEU A 223 -21.70 7.51 4.52
CA LEU A 223 -22.38 6.75 3.47
C LEU A 223 -22.32 7.55 2.19
N ASN A 224 -22.30 6.87 1.04
CA ASN A 224 -22.33 7.50 -0.30
C ASN A 224 -21.21 8.48 -0.56
N THR A 225 -20.15 8.41 0.22
CA THR A 225 -18.98 9.27 0.09
C THR A 225 -18.17 8.93 -1.19
N PRO A 226 -17.35 9.83 -1.76
CA PRO A 226 -16.58 9.43 -2.97
C PRO A 226 -15.57 8.33 -2.66
N ALA A 227 -15.13 7.63 -3.71
CA ALA A 227 -14.14 6.56 -3.67
C ALA A 227 -12.85 7.10 -2.98
N PRO A 228 -12.41 6.50 -1.86
CA PRO A 228 -11.22 7.04 -1.18
C PRO A 228 -9.90 6.65 -1.90
N LEU A 229 -8.83 7.38 -1.60
CA LEU A 229 -7.52 7.07 -2.18
C LEU A 229 -6.97 5.77 -1.51
N PRO A 230 -6.03 5.03 -2.14
CA PRO A 230 -5.43 3.87 -1.44
C PRO A 230 -4.69 4.35 -0.18
N THR A 231 -4.30 3.43 0.72
CA THR A 231 -3.51 3.77 1.91
C THR A 231 -2.17 4.36 1.45
N SER A 232 -1.71 5.43 2.10
CA SER A 232 -0.43 6.06 1.80
C SER A 232 0.61 5.58 2.85
N CYS A 233 1.79 6.18 2.88
CA CYS A 233 2.87 5.77 3.81
C CYS A 233 3.19 6.93 4.70
N ASN A 234 3.41 6.67 5.99
CA ASN A 234 3.93 7.69 6.88
C ASN A 234 5.45 7.38 6.93
N PRO A 235 6.35 8.25 6.37
CA PRO A 235 7.80 7.93 6.34
C PRO A 235 8.42 7.39 7.62
N SER A 236 7.97 7.89 8.79
CA SER A 236 8.51 7.51 10.11
C SER A 236 8.02 6.15 10.62
N ASP A 237 6.97 5.59 10.02
CA ASP A 237 6.45 4.27 10.36
C ASP A 237 6.97 3.16 9.42
N MET A 238 7.92 3.47 8.53
CA MET A 238 8.39 2.43 7.59
C MET A 238 9.69 1.82 8.08
N SER A 239 10.02 0.62 7.53
CA SER A 239 11.33 0.01 7.76
C SER A 239 12.23 0.62 6.69
N HIS A 240 13.35 1.24 7.13
CA HIS A 240 14.31 1.89 6.24
C HIS A 240 15.55 1.01 6.11
N GLY A 241 15.90 0.66 4.87
CA GLY A 241 17.04 -0.18 4.57
C GLY A 241 18.19 0.54 3.91
N TYR A 242 19.44 0.10 4.17
CA TYR A 242 20.66 0.72 3.63
C TYR A 242 21.68 -0.36 3.27
N VAL A 243 22.11 -0.35 2.00
CA VAL A 243 23.07 -1.28 1.42
C VAL A 243 24.18 -0.44 0.79
N THR A 244 25.45 -0.75 1.11
CA THR A 244 26.60 -0.11 0.47
C THR A 244 26.93 -0.96 -0.77
N VAL A 245 26.86 -0.37 -1.97
CA VAL A 245 27.08 -1.10 -3.22
C VAL A 245 28.52 -1.02 -3.75
N LYS A 246 29.24 0.01 -3.30
CA LYS A 246 30.64 0.32 -3.57
C LYS A 246 31.11 1.35 -2.51
N PRO A 247 32.45 1.47 -2.24
CA PRO A 247 32.93 2.35 -1.16
C PRO A 247 32.24 3.69 -0.90
N ARG A 248 32.00 4.47 -1.95
CA ARG A 248 31.37 5.78 -1.74
C ARG A 248 29.85 5.79 -2.03
N VAL A 249 29.25 4.61 -2.33
CA VAL A 249 27.84 4.55 -2.71
C VAL A 249 27.00 3.62 -1.85
N ARG A 250 26.03 4.24 -1.20
CA ARG A 250 25.05 3.54 -0.37
C ARG A 250 23.64 3.78 -0.97
N LEU A 251 22.82 2.72 -1.04
CA LEU A 251 21.45 2.89 -1.53
C LEU A 251 20.45 2.70 -0.39
N HIS A 252 19.49 3.61 -0.31
CA HIS A 252 18.42 3.58 0.68
C HIS A 252 17.12 3.06 0.05
N PHE A 253 16.33 2.33 0.86
CA PHE A 253 15.04 1.80 0.43
C PHE A 253 14.09 1.66 1.60
N VAL A 254 12.80 1.67 1.27
CA VAL A 254 11.74 1.43 2.21
C VAL A 254 11.27 0.03 1.94
N GLU A 255 10.97 -0.76 3.00
CA GLU A 255 10.59 -2.17 2.83
C GLU A 255 9.31 -2.53 3.55
N LEU A 256 8.39 -3.16 2.84
CA LEU A 256 7.11 -3.59 3.42
C LEU A 256 6.59 -4.87 2.76
N GLY A 257 6.09 -5.79 3.59
CA GLY A 257 5.48 -7.04 3.12
C GLY A 257 6.42 -8.23 3.02
N SER A 258 5.82 -9.38 2.69
CA SER A 258 6.49 -10.67 2.49
C SER A 258 6.02 -11.24 1.18
N GLY A 259 6.87 -12.03 0.54
CA GLY A 259 6.54 -12.65 -0.73
C GLY A 259 7.59 -12.35 -1.77
N PRO A 260 7.26 -12.51 -3.07
CA PRO A 260 8.25 -12.23 -4.13
C PRO A 260 8.70 -10.77 -4.06
N ALA A 261 10.03 -10.54 -4.20
CA ALA A 261 10.63 -9.20 -4.14
C ALA A 261 10.22 -8.33 -5.33
N VAL A 262 9.73 -7.13 -5.03
CA VAL A 262 9.27 -6.17 -6.05
C VAL A 262 10.02 -4.88 -5.81
N CYS A 263 10.95 -4.59 -6.69
CA CYS A 263 11.80 -3.41 -6.61
C CYS A 263 11.23 -2.22 -7.41
N LEU A 264 10.81 -1.18 -6.68
CA LEU A 264 10.18 0.03 -7.24
C LEU A 264 11.23 1.10 -7.52
N CYS A 265 11.30 1.56 -8.77
CA CYS A 265 12.28 2.56 -9.27
C CYS A 265 11.64 3.87 -9.79
N HIS A 266 11.77 4.95 -9.02
CA HIS A 266 11.20 6.26 -9.30
C HIS A 266 11.87 7.04 -10.45
N GLY A 267 11.24 8.11 -10.89
CA GLY A 267 11.76 8.97 -11.93
C GLY A 267 12.36 10.27 -11.41
N PHE A 268 12.49 11.21 -12.33
CA PHE A 268 13.07 12.50 -12.05
C PHE A 268 11.98 13.57 -11.83
N PRO A 269 12.12 14.45 -10.81
CA PRO A 269 13.09 14.49 -9.70
C PRO A 269 12.33 13.95 -8.49
N GLU A 270 12.35 12.64 -8.30
CA GLU A 270 11.46 12.10 -7.28
C GLU A 270 12.05 11.47 -6.00
N SER A 271 11.46 10.37 -5.50
CA SER A 271 11.79 9.78 -4.20
C SER A 271 11.15 8.41 -4.12
N TRP A 272 11.58 7.57 -3.14
CA TRP A 272 10.88 6.32 -2.83
C TRP A 272 9.39 6.70 -2.55
N TYR A 273 9.16 7.91 -1.95
CA TYR A 273 7.84 8.44 -1.56
C TYR A 273 6.84 8.60 -2.72
N SER A 274 7.34 8.69 -3.95
CA SER A 274 6.48 8.74 -5.14
C SER A 274 5.62 7.48 -5.29
N TRP A 275 6.02 6.37 -4.61
CA TRP A 275 5.32 5.08 -4.59
C TRP A 275 4.46 4.91 -3.31
N ARG A 276 4.24 5.99 -2.53
CA ARG A 276 3.49 5.90 -1.25
C ARG A 276 2.14 5.17 -1.35
N TYR A 277 1.39 5.40 -2.44
CA TYR A 277 0.09 4.77 -2.67
C TYR A 277 0.17 3.30 -3.15
N GLN A 278 1.33 2.86 -3.67
CA GLN A 278 1.53 1.49 -4.17
C GLN A 278 2.11 0.61 -3.09
N ILE A 279 3.00 1.14 -2.22
CA ILE A 279 3.69 0.34 -1.19
C ILE A 279 2.73 -0.49 -0.32
N PRO A 280 1.73 0.09 0.40
CA PRO A 280 0.81 -0.75 1.19
C PRO A 280 -0.03 -1.69 0.35
N ALA A 281 -0.53 -1.24 -0.83
CA ALA A 281 -1.34 -2.09 -1.73
C ALA A 281 -0.59 -3.34 -2.21
N LEU A 282 0.64 -3.17 -2.75
CA LEU A 282 1.43 -4.33 -3.23
C LEU A 282 1.84 -5.29 -2.10
N ALA A 283 2.14 -4.77 -0.87
CA ALA A 283 2.45 -5.58 0.31
C ALA A 283 1.21 -6.41 0.69
N GLN A 284 0.06 -5.73 0.78
CA GLN A 284 -1.23 -6.37 1.07
C GLN A 284 -1.57 -7.44 0.01
N ALA A 285 -1.12 -7.21 -1.26
CA ALA A 285 -1.35 -8.18 -2.36
C ALA A 285 -0.48 -9.43 -2.33
N GLY A 286 0.47 -9.51 -1.39
CA GLY A 286 1.32 -10.68 -1.19
C GLY A 286 2.73 -10.57 -1.72
N TYR A 287 3.29 -9.35 -1.71
CA TYR A 287 4.63 -9.07 -2.22
C TYR A 287 5.52 -8.37 -1.19
N ARG A 288 6.86 -8.56 -1.32
CA ARG A 288 7.85 -7.88 -0.52
C ARG A 288 8.29 -6.69 -1.36
N VAL A 289 7.85 -5.49 -0.97
CA VAL A 289 8.13 -4.28 -1.72
C VAL A 289 9.46 -3.66 -1.29
N LEU A 290 10.29 -3.25 -2.25
CA LEU A 290 11.53 -2.53 -1.96
C LEU A 290 11.46 -1.22 -2.76
N ALA A 291 11.03 -0.13 -2.11
CA ALA A 291 10.91 1.18 -2.79
C ALA A 291 12.20 1.93 -2.62
N MET A 292 12.92 2.09 -3.73
CA MET A 292 14.22 2.73 -3.74
C MET A 292 14.19 4.21 -3.70
N ASP A 293 15.29 4.76 -3.15
CA ASP A 293 15.74 6.14 -3.31
C ASP A 293 16.84 5.81 -4.31
N MET A 294 16.63 6.20 -5.57
CA MET A 294 17.58 5.90 -6.64
C MET A 294 18.86 6.73 -6.38
N LYS A 295 19.98 6.31 -6.97
CA LYS A 295 21.25 7.00 -6.83
C LYS A 295 21.08 8.49 -7.19
N GLY A 296 21.52 9.36 -6.27
CA GLY A 296 21.42 10.82 -6.39
C GLY A 296 20.28 11.43 -5.59
N TYR A 297 19.48 10.59 -4.93
CA TYR A 297 18.25 11.03 -4.26
C TYR A 297 18.12 10.63 -2.82
N GLY A 298 17.40 11.47 -2.07
CA GLY A 298 17.03 11.28 -0.66
C GLY A 298 18.18 10.81 0.20
N GLU A 299 18.03 9.63 0.81
CA GLU A 299 19.06 9.03 1.68
C GLU A 299 20.09 8.18 0.95
N SER A 300 19.98 8.07 -0.39
CA SER A 300 20.95 7.34 -1.19
C SER A 300 22.11 8.27 -1.46
N SER A 301 23.29 7.72 -1.74
CA SER A 301 24.45 8.56 -1.99
C SER A 301 24.27 9.31 -3.31
N ALA A 302 24.89 10.50 -3.37
CA ALA A 302 24.84 11.38 -4.53
C ALA A 302 26.23 11.87 -4.91
N PRO A 303 27.12 11.02 -5.50
CA PRO A 303 28.44 11.53 -5.92
C PRO A 303 28.34 12.58 -7.02
N PRO A 304 29.31 13.54 -7.11
CA PRO A 304 29.18 14.62 -8.10
C PRO A 304 29.45 14.27 -9.55
N GLU A 305 30.25 13.24 -9.82
CA GLU A 305 30.69 12.85 -11.16
C GLU A 305 29.55 12.40 -12.04
N ILE A 306 29.49 12.95 -13.25
CA ILE A 306 28.45 12.69 -14.24
C ILE A 306 28.36 11.20 -14.59
N GLU A 307 29.51 10.55 -14.83
CA GLU A 307 29.69 9.15 -15.23
C GLU A 307 29.15 8.14 -14.18
N GLU A 308 28.98 8.59 -12.93
CA GLU A 308 28.43 7.76 -11.85
C GLU A 308 26.95 7.45 -12.14
N TYR A 309 26.33 8.21 -13.07
CA TYR A 309 24.91 8.15 -13.43
C TYR A 309 24.58 7.61 -14.83
N CYS A 310 25.56 7.00 -15.50
CA CYS A 310 25.28 6.34 -16.77
C CYS A 310 24.55 5.03 -16.45
N MET A 311 23.68 4.57 -17.37
CA MET A 311 22.86 3.37 -17.21
C MET A 311 23.66 2.13 -16.84
N GLU A 312 24.83 1.93 -17.48
CA GLU A 312 25.70 0.78 -17.20
C GLU A 312 26.07 0.70 -15.71
N VAL A 313 26.50 1.83 -15.09
CA VAL A 313 26.85 1.81 -13.67
C VAL A 313 25.64 1.72 -12.74
N LEU A 314 24.55 2.43 -13.08
CA LEU A 314 23.30 2.40 -12.31
C LEU A 314 22.76 0.97 -12.26
N CYS A 315 22.76 0.28 -13.42
CA CYS A 315 22.30 -1.09 -13.54
C CYS A 315 23.17 -2.08 -12.76
N LYS A 316 24.51 -1.97 -12.84
CA LYS A 316 25.47 -2.81 -12.13
C LYS A 316 25.29 -2.66 -10.62
N GLU A 317 25.10 -1.44 -10.15
CA GLU A 317 24.86 -1.18 -8.73
C GLU A 317 23.53 -1.75 -8.25
N MET A 318 22.52 -1.83 -9.15
CA MET A 318 21.22 -2.43 -8.80
C MET A 318 21.37 -3.96 -8.66
N VAL A 319 22.29 -4.58 -9.46
CA VAL A 319 22.63 -6.01 -9.39
C VAL A 319 23.36 -6.30 -8.05
N THR A 320 24.33 -5.43 -7.70
CA THR A 320 25.07 -5.47 -6.43
C THR A 320 24.08 -5.34 -5.25
N PHE A 321 23.10 -4.43 -5.40
CA PHE A 321 22.03 -4.22 -4.39
C PHE A 321 21.32 -5.56 -4.13
N LEU A 322 20.98 -6.31 -5.18
CA LEU A 322 20.37 -7.65 -5.05
C LEU A 322 21.34 -8.65 -4.41
N ASP A 323 22.60 -8.64 -4.85
CA ASP A 323 23.66 -9.49 -4.30
C ASP A 323 23.79 -9.32 -2.79
N LYS A 324 23.94 -8.08 -2.31
CA LYS A 324 24.10 -7.82 -0.89
C LYS A 324 22.88 -8.15 -0.02
N LEU A 325 21.66 -8.07 -0.60
CA LEU A 325 20.41 -8.40 0.11
C LEU A 325 20.13 -9.89 0.07
N GLY A 326 20.89 -10.61 -0.76
CA GLY A 326 20.80 -12.05 -0.96
C GLY A 326 19.61 -12.42 -1.81
N LEU A 327 19.29 -11.56 -2.81
CA LEU A 327 18.14 -11.78 -3.70
C LEU A 327 18.61 -12.23 -5.06
N SER A 328 18.24 -13.46 -5.47
CA SER A 328 18.63 -13.95 -6.78
C SER A 328 17.85 -13.21 -7.87
N GLN A 329 16.61 -12.77 -7.54
CA GLN A 329 15.77 -11.99 -8.45
C GLN A 329 14.87 -11.00 -7.73
N ALA A 330 14.32 -10.05 -8.50
CA ALA A 330 13.29 -9.14 -8.09
C ALA A 330 12.48 -8.77 -9.30
N VAL A 331 11.19 -8.48 -9.11
CA VAL A 331 10.44 -7.89 -10.21
C VAL A 331 10.78 -6.40 -10.20
N PHE A 332 11.12 -5.85 -11.37
CA PHE A 332 11.51 -4.45 -11.44
C PHE A 332 10.41 -3.62 -12.05
N ILE A 333 9.89 -2.68 -11.28
CA ILE A 333 8.83 -1.75 -11.71
C ILE A 333 9.41 -0.33 -11.68
N GLY A 334 9.45 0.30 -12.84
CA GLY A 334 9.99 1.65 -12.95
C GLY A 334 9.00 2.66 -13.51
N HIS A 335 9.25 3.94 -13.23
CA HIS A 335 8.46 5.08 -13.75
C HIS A 335 9.46 6.10 -14.18
N ASP A 336 9.24 6.68 -15.37
CA ASP A 336 10.08 7.75 -15.92
C ASP A 336 11.55 7.28 -16.08
N TRP A 337 12.55 7.94 -15.46
CA TRP A 337 13.94 7.47 -15.56
C TRP A 337 14.11 6.07 -14.97
N GLY A 338 13.31 5.73 -13.95
CA GLY A 338 13.29 4.39 -13.35
C GLY A 338 12.76 3.35 -14.34
N GLY A 339 11.82 3.77 -15.20
CA GLY A 339 11.23 2.93 -16.24
C GLY A 339 12.28 2.57 -17.28
N MET A 340 13.14 3.56 -17.62
CA MET A 340 14.26 3.35 -18.55
C MET A 340 15.27 2.36 -17.97
N LEU A 341 15.62 2.54 -16.67
CA LEU A 341 16.61 1.69 -15.98
C LEU A 341 16.14 0.21 -16.01
N VAL A 342 14.86 0.03 -15.73
CA VAL A 342 14.13 -1.24 -15.65
C VAL A 342 14.13 -2.03 -17.00
N TRP A 343 13.97 -1.34 -18.15
CA TRP A 343 14.10 -2.02 -19.45
C TRP A 343 15.54 -2.47 -19.66
N TYR A 344 16.52 -1.66 -19.23
CA TYR A 344 17.94 -1.99 -19.34
C TYR A 344 18.40 -3.13 -18.44
N MET A 345 17.77 -3.26 -17.25
CA MET A 345 17.96 -4.40 -16.33
C MET A 345 17.48 -5.69 -17.01
N ALA A 346 16.29 -5.64 -17.65
CA ALA A 346 15.71 -6.79 -18.38
C ALA A 346 16.60 -7.22 -19.56
N LEU A 347 17.22 -6.26 -20.27
CA LEU A 347 18.10 -6.46 -21.44
C LEU A 347 19.48 -6.99 -21.09
N PHE A 348 20.07 -6.48 -20.01
CA PHE A 348 21.44 -6.83 -19.64
C PHE A 348 21.55 -7.83 -18.53
N TYR A 349 20.54 -7.92 -17.66
CA TYR A 349 20.52 -8.88 -16.53
C TYR A 349 19.17 -9.62 -16.45
N PRO A 350 18.68 -10.31 -17.52
CA PRO A 350 17.39 -11.03 -17.42
C PRO A 350 17.30 -12.11 -16.33
N GLU A 351 18.45 -12.74 -15.93
CA GLU A 351 18.46 -13.77 -14.89
C GLU A 351 18.12 -13.24 -13.49
N ARG A 352 18.26 -11.92 -13.31
CA ARG A 352 18.05 -11.20 -12.07
C ARG A 352 16.71 -10.53 -12.00
N VAL A 353 16.02 -10.49 -13.13
CA VAL A 353 14.73 -9.83 -13.26
C VAL A 353 13.66 -10.88 -13.45
N ARG A 354 12.80 -11.05 -12.44
CA ARG A 354 11.68 -11.99 -12.41
C ARG A 354 10.66 -11.56 -13.48
N ALA A 355 10.40 -10.26 -13.56
CA ALA A 355 9.49 -9.60 -14.50
C ALA A 355 9.80 -8.11 -14.49
N VAL A 356 9.43 -7.42 -15.55
CA VAL A 356 9.69 -6.00 -15.75
C VAL A 356 8.41 -5.25 -16.11
N ALA A 357 8.17 -4.09 -15.47
CA ALA A 357 7.04 -3.22 -15.76
C ALA A 357 7.49 -1.78 -15.76
N SER A 358 6.97 -0.98 -16.70
CA SER A 358 7.26 0.45 -16.79
C SER A 358 5.99 1.29 -16.91
N LEU A 359 5.96 2.38 -16.17
CA LEU A 359 4.88 3.34 -16.23
C LEU A 359 5.41 4.46 -17.08
N ASN A 360 4.68 4.78 -18.17
CA ASN A 360 4.96 5.89 -19.10
C ASN A 360 6.16 5.72 -20.00
N THR A 361 7.32 5.27 -19.46
CA THR A 361 8.56 5.15 -20.25
C THR A 361 8.50 3.97 -21.20
N PRO A 362 8.56 4.20 -22.53
CA PRO A 362 8.57 3.08 -23.45
C PRO A 362 9.98 2.51 -23.58
N PHE A 363 10.09 1.35 -24.22
CA PHE A 363 11.39 0.82 -24.57
C PHE A 363 11.58 1.19 -26.05
N ILE A 364 12.55 2.05 -26.32
CA ILE A 364 12.95 2.43 -27.69
C ILE A 364 14.45 2.14 -27.75
N PRO A 365 14.83 1.27 -28.67
CA PRO A 365 16.25 0.89 -28.79
C PRO A 365 17.07 1.97 -29.43
N ALA A 366 18.35 2.06 -29.05
CA ALA A 366 19.30 3.02 -29.58
C ALA A 366 19.28 2.98 -31.11
N ASN A 367 19.31 4.15 -31.76
CA ASN A 367 19.41 4.21 -33.21
C ASN A 367 20.91 4.23 -33.48
N PRO A 368 21.50 3.15 -34.03
CA PRO A 368 22.96 3.16 -34.27
C PRO A 368 23.43 4.17 -35.34
N ASN A 369 22.49 4.62 -36.19
CA ASN A 369 22.80 5.53 -37.30
C ASN A 369 22.50 6.99 -36.98
N MET A 370 22.41 7.33 -35.68
CA MET A 370 22.07 8.68 -35.24
C MET A 370 22.51 8.94 -33.82
N SER A 371 23.15 10.09 -33.61
CA SER A 371 23.59 10.56 -32.29
C SER A 371 22.38 10.77 -31.38
N PRO A 372 22.47 10.41 -30.08
CA PRO A 372 21.32 10.65 -29.18
C PRO A 372 20.94 12.15 -29.11
N LEU A 373 21.93 13.04 -29.33
CA LEU A 373 21.76 14.50 -29.38
C LEU A 373 20.83 14.87 -30.53
N GLU A 374 21.08 14.29 -31.73
CA GLU A 374 20.26 14.48 -32.94
C GLU A 374 18.81 14.06 -32.68
N SER A 375 18.62 12.88 -32.06
CA SER A 375 17.34 12.27 -31.71
C SER A 375 16.49 13.16 -30.79
N ILE A 376 17.11 13.65 -29.69
CA ILE A 376 16.50 14.53 -28.70
C ILE A 376 16.13 15.88 -29.33
N LYS A 377 17.00 16.40 -30.22
CA LYS A 377 16.78 17.64 -30.97
C LYS A 377 15.59 17.52 -31.92
N ALA A 378 15.38 16.30 -32.51
CA ALA A 378 14.28 15.98 -33.43
C ALA A 378 12.87 16.02 -32.79
N ASN A 379 12.80 15.96 -31.43
CA ASN A 379 11.53 16.02 -30.70
C ASN A 379 11.43 17.33 -29.91
N PRO A 380 10.47 18.21 -30.27
CA PRO A 380 10.34 19.51 -29.58
C PRO A 380 10.05 19.43 -28.09
N VAL A 381 9.26 18.42 -27.65
CA VAL A 381 8.93 18.22 -26.22
C VAL A 381 10.16 17.83 -25.38
N PHE A 382 11.26 17.36 -26.02
CA PHE A 382 12.52 16.97 -25.37
C PHE A 382 13.53 18.10 -25.25
N ASP A 383 13.11 19.37 -25.53
CA ASP A 383 13.95 20.58 -25.48
C ASP A 383 14.57 20.79 -24.12
N TYR A 384 13.77 20.60 -23.06
CA TYR A 384 14.18 20.71 -21.66
C TYR A 384 15.40 19.82 -21.35
N GLN A 385 15.57 18.69 -22.08
CA GLN A 385 16.73 17.80 -21.88
C GLN A 385 18.04 18.46 -22.31
N LEU A 386 17.98 19.35 -23.32
CA LEU A 386 19.17 20.11 -23.78
C LEU A 386 19.47 21.18 -22.74
N TYR A 387 18.43 21.77 -22.12
CA TYR A 387 18.55 22.75 -21.04
C TYR A 387 19.25 22.09 -19.83
N PHE A 388 18.96 20.80 -19.60
CA PHE A 388 19.55 20.00 -18.50
C PHE A 388 21.03 19.65 -18.69
N GLN A 389 21.57 19.82 -19.92
CA GLN A 389 22.95 19.44 -20.23
C GLN A 389 24.07 20.19 -19.54
N GLU A 390 24.01 21.52 -19.53
CA GLU A 390 25.08 22.34 -18.95
C GLU A 390 25.19 22.22 -17.45
N PRO A 391 26.29 21.65 -16.90
CA PRO A 391 26.37 21.48 -15.44
C PRO A 391 26.25 22.79 -14.69
N GLY A 392 25.23 22.89 -13.82
CA GLY A 392 25.01 24.04 -12.93
C GLY A 392 23.80 24.89 -13.22
N VAL A 393 23.44 25.01 -14.50
CA VAL A 393 22.34 25.84 -14.96
C VAL A 393 20.98 25.40 -14.45
N ALA A 394 20.59 24.13 -14.70
CA ALA A 394 19.30 23.64 -14.19
C ALA A 394 19.36 23.48 -12.66
N GLU A 395 20.54 23.12 -12.09
CA GLU A 395 20.69 23.02 -10.61
C GLU A 395 20.32 24.35 -9.94
N ALA A 396 20.83 25.48 -10.46
CA ALA A 396 20.57 26.81 -9.91
C ALA A 396 19.10 27.19 -9.92
N GLU A 397 18.40 26.93 -11.04
CA GLU A 397 16.96 27.22 -11.09
C GLU A 397 16.14 26.28 -10.20
N LEU A 398 16.42 24.97 -10.27
CA LEU A 398 15.67 23.95 -9.48
C LEU A 398 15.91 24.02 -7.98
N GLU A 399 17.12 24.43 -7.56
CA GLU A 399 17.48 24.55 -6.14
C GLU A 399 17.13 25.92 -5.50
N GLN A 400 16.90 26.97 -6.31
CA GLN A 400 16.60 28.33 -5.80
C GLN A 400 15.42 28.38 -4.80
N ASN A 401 14.34 27.71 -5.12
CA ASN A 401 13.15 27.65 -4.28
C ASN A 401 12.58 26.25 -4.46
N LEU A 402 12.82 25.36 -3.48
CA LEU A 402 12.40 23.96 -3.50
C LEU A 402 10.91 23.75 -3.54
N SER A 403 10.17 24.45 -2.67
CA SER A 403 8.70 24.40 -2.62
C SER A 403 8.10 24.75 -3.99
N ARG A 404 8.62 25.81 -4.62
CA ARG A 404 8.17 26.25 -5.94
C ARG A 404 8.46 25.17 -6.97
N THR A 405 9.68 24.60 -6.94
CA THR A 405 10.08 23.53 -7.86
C THR A 405 9.04 22.38 -7.90
N PHE A 406 8.71 21.80 -6.72
CA PHE A 406 7.80 20.66 -6.61
C PHE A 406 6.35 20.99 -6.86
N LYS A 407 5.89 22.15 -6.38
CA LYS A 407 4.52 22.63 -6.63
C LYS A 407 4.27 22.85 -8.13
N SER A 408 5.28 23.40 -8.85
CA SER A 408 5.23 23.65 -10.29
C SER A 408 5.24 22.36 -11.10
N LEU A 409 6.10 21.40 -10.72
CA LEU A 409 6.25 20.13 -11.41
C LEU A 409 5.12 19.16 -11.18
N PHE A 410 4.78 18.90 -9.90
CA PHE A 410 3.79 17.90 -9.51
C PHE A 410 2.37 18.42 -9.63
N ARG A 411 1.89 18.43 -10.89
CA ARG A 411 0.55 18.93 -11.22
C ARG A 411 -0.19 17.95 -12.13
N ALA A 412 -1.54 17.83 -11.97
CA ALA A 412 -2.39 16.97 -12.81
C ALA A 412 -2.49 17.61 -14.21
N SER A 413 -2.91 16.82 -15.24
CA SER A 413 -2.97 17.28 -16.65
C SER A 413 -3.78 18.57 -16.92
N ASP A 414 -4.81 18.82 -16.08
CA ASP A 414 -5.72 19.96 -16.14
C ASP A 414 -5.22 21.15 -15.29
N GLU A 415 -4.03 21.04 -14.68
CA GLU A 415 -3.47 22.06 -13.79
C GLU A 415 -2.18 22.67 -14.27
N SER A 416 -1.55 22.09 -15.30
CA SER A 416 -0.24 22.48 -15.82
C SER A 416 0.06 23.97 -15.90
N VAL A 417 1.24 24.31 -15.39
CA VAL A 417 1.80 25.64 -15.27
C VAL A 417 3.13 25.72 -16.09
N LEU A 418 3.61 24.53 -16.59
CA LEU A 418 4.84 24.35 -17.38
C LEU A 418 4.61 23.83 -18.79
N SER A 419 5.41 24.37 -19.72
CA SER A 419 5.48 24.01 -21.14
C SER A 419 6.92 23.55 -21.41
N MET A 420 7.10 22.29 -21.87
CA MET A 420 8.42 21.71 -22.12
C MET A 420 9.11 22.10 -23.43
N HIS A 421 8.41 22.88 -24.28
CA HIS A 421 8.94 23.38 -25.55
C HIS A 421 9.48 24.80 -25.35
N LYS A 422 10.59 25.13 -26.04
CA LYS A 422 11.27 26.43 -25.99
C LYS A 422 11.75 26.83 -24.57
N VAL A 423 12.18 25.82 -23.78
CA VAL A 423 12.72 25.94 -22.42
C VAL A 423 14.10 26.63 -22.48
N CYS A 424 14.96 26.23 -23.46
CA CYS A 424 16.28 26.85 -23.68
C CYS A 424 16.12 28.32 -24.09
N GLU A 425 15.27 28.60 -25.11
CA GLU A 425 14.96 29.92 -25.67
C GLU A 425 14.44 30.87 -24.58
N ALA A 426 13.55 30.35 -23.71
CA ALA A 426 12.99 31.07 -22.57
C ALA A 426 14.01 31.22 -21.43
N GLY A 427 15.06 30.39 -21.44
CA GLY A 427 16.11 30.42 -20.43
C GLY A 427 15.77 29.79 -19.08
N GLY A 428 14.81 28.86 -19.07
CA GLY A 428 14.44 28.17 -17.84
C GLY A 428 13.13 27.41 -17.90
N LEU A 429 12.96 26.48 -16.95
CA LEU A 429 11.74 25.67 -16.81
C LEU A 429 10.59 26.47 -16.20
N PHE A 430 10.91 27.42 -15.28
CA PHE A 430 9.92 28.19 -14.53
C PHE A 430 9.78 29.69 -14.89
N VAL A 431 10.40 30.15 -16.00
CA VAL A 431 10.36 31.57 -16.42
C VAL A 431 8.94 32.17 -16.59
N ASN A 432 7.96 31.35 -16.98
CA ASN A 432 6.57 31.77 -17.17
C ASN A 432 5.69 31.12 -16.09
N SER A 433 6.31 30.74 -14.96
CA SER A 433 5.63 30.07 -13.86
C SER A 433 5.56 31.00 -12.64
N PRO A 434 4.45 30.95 -11.83
CA PRO A 434 4.36 31.86 -10.67
C PRO A 434 5.40 31.57 -9.57
N GLU A 435 5.67 32.58 -8.73
CA GLU A 435 6.60 32.45 -7.61
C GLU A 435 6.02 31.56 -6.56
N GLU A 436 4.71 31.69 -6.33
CA GLU A 436 3.98 30.91 -5.37
C GLU A 436 2.90 30.13 -6.12
N PRO A 437 3.25 28.99 -6.75
CA PRO A 437 2.22 28.18 -7.45
C PRO A 437 1.17 27.68 -6.49
N SER A 438 -0.06 27.46 -6.98
CA SER A 438 -1.14 26.88 -6.17
C SER A 438 -0.81 25.40 -5.90
N LEU A 439 -1.43 24.82 -4.88
CA LEU A 439 -1.22 23.43 -4.52
C LEU A 439 -2.11 22.54 -5.39
N SER A 440 -1.49 21.59 -6.11
CA SER A 440 -2.22 20.63 -6.96
C SER A 440 -3.12 19.72 -6.12
N ARG A 441 -4.25 19.24 -6.72
CA ARG A 441 -5.21 18.31 -6.11
C ARG A 441 -4.58 16.96 -5.78
N MET A 442 -3.46 16.65 -6.44
CA MET A 442 -2.70 15.41 -6.28
C MET A 442 -1.92 15.34 -4.98
N VAL A 443 -1.49 16.51 -4.45
CA VAL A 443 -0.61 16.59 -3.28
C VAL A 443 -1.12 17.49 -2.14
N THR A 444 -0.72 17.16 -0.90
CA THR A 444 -1.01 18.02 0.24
C THR A 444 0.24 18.90 0.43
N GLU A 445 0.17 19.91 1.29
CA GLU A 445 1.31 20.79 1.57
C GLU A 445 2.47 20.01 2.22
N GLU A 446 2.11 19.07 3.11
CA GLU A 446 2.99 18.18 3.89
C GLU A 446 3.79 17.25 2.96
N GLU A 447 3.13 16.66 1.94
CA GLU A 447 3.76 15.80 0.94
C GLU A 447 4.79 16.59 0.11
N ILE A 448 4.48 17.86 -0.27
CA ILE A 448 5.44 18.75 -0.95
C ILE A 448 6.65 18.97 -0.03
N GLN A 449 6.40 19.22 1.27
CA GLN A 449 7.45 19.45 2.27
C GLN A 449 8.36 18.25 2.53
N PHE A 450 7.86 17.00 2.32
CA PHE A 450 8.71 15.82 2.42
C PHE A 450 9.70 15.86 1.25
N TYR A 451 9.24 16.20 0.02
CA TYR A 451 10.16 16.30 -1.12
C TYR A 451 11.17 17.44 -0.92
N VAL A 452 10.73 18.59 -0.38
CA VAL A 452 11.59 19.77 -0.09
C VAL A 452 12.74 19.33 0.88
N GLN A 453 12.39 18.61 1.97
CA GLN A 453 13.37 18.15 2.97
C GLN A 453 14.35 17.14 2.40
N GLN A 454 13.87 16.24 1.54
CA GLN A 454 14.73 15.23 0.88
C GLN A 454 15.78 15.88 0.01
N PHE A 455 15.37 16.86 -0.80
CA PHE A 455 16.24 17.55 -1.75
C PHE A 455 17.21 18.55 -1.15
N LYS A 456 17.05 18.86 0.17
CA LYS A 456 17.97 19.71 0.91
C LYS A 456 19.29 19.01 1.14
N LYS A 457 19.29 17.66 1.15
CA LYS A 457 20.54 16.90 1.35
C LYS A 457 21.54 17.01 0.17
N SER A 458 21.14 16.63 -1.06
CA SER A 458 22.10 16.63 -2.16
C SER A 458 21.74 17.52 -3.34
N GLY A 459 20.54 18.08 -3.31
CA GLY A 459 20.05 18.92 -4.39
C GLY A 459 19.82 18.17 -5.68
N PHE A 460 20.02 18.88 -6.79
CA PHE A 460 19.71 18.41 -8.13
C PHE A 460 20.86 17.96 -8.99
N ARG A 461 22.13 18.00 -8.50
CA ARG A 461 23.28 17.58 -9.30
C ARG A 461 23.23 16.09 -9.75
N GLY A 462 23.15 15.16 -8.80
CA GLY A 462 23.03 13.73 -9.06
C GLY A 462 21.83 13.40 -9.93
N PRO A 463 20.62 13.86 -9.56
CA PRO A 463 19.44 13.66 -10.42
C PRO A 463 19.58 14.17 -11.85
N LEU A 464 20.13 15.39 -12.06
CA LEU A 464 20.35 15.95 -13.40
C LEU A 464 21.40 15.19 -14.16
N ASN A 465 22.37 14.58 -13.45
CA ASN A 465 23.40 13.76 -14.09
C ASN A 465 22.84 12.53 -14.81
N TRP A 466 21.60 12.07 -14.48
CA TRP A 466 20.91 10.97 -15.18
C TRP A 466 20.72 11.32 -16.67
N TYR A 467 20.58 12.64 -16.99
CA TYR A 467 20.41 13.19 -18.36
C TYR A 467 21.73 13.50 -19.06
N ARG A 468 22.83 13.44 -18.33
CA ARG A 468 24.14 13.85 -18.84
C ARG A 468 25.05 12.72 -19.33
N ASN A 469 24.45 11.57 -19.67
CA ASN A 469 25.18 10.40 -20.16
C ASN A 469 24.67 9.85 -21.50
N MET A 470 24.06 10.71 -22.36
CA MET A 470 23.50 10.33 -23.67
C MET A 470 24.39 9.49 -24.55
N GLU A 471 25.62 9.96 -24.81
CA GLU A 471 26.59 9.28 -25.64
C GLU A 471 27.02 7.95 -25.00
N ARG A 472 27.29 7.95 -23.68
CA ARG A 472 27.70 6.78 -22.91
C ARG A 472 26.59 5.69 -22.93
N ASN A 473 25.33 6.08 -22.65
CA ASN A 473 24.16 5.20 -22.67
C ASN A 473 23.92 4.61 -24.03
N TRP A 474 24.02 5.46 -25.09
CA TRP A 474 23.83 5.09 -26.49
C TRP A 474 24.82 3.99 -26.90
N LYS A 475 26.13 4.22 -26.65
CA LYS A 475 27.16 3.23 -26.95
C LYS A 475 26.89 1.88 -26.25
N TRP A 476 26.51 1.89 -24.94
CA TRP A 476 26.18 0.69 -24.16
C TRP A 476 24.93 0.01 -24.69
N ALA A 477 23.87 0.77 -25.00
CA ALA A 477 22.60 0.27 -25.53
C ALA A 477 22.77 -0.43 -26.89
N CYS A 478 23.70 0.07 -27.73
CA CYS A 478 24.02 -0.51 -29.05
C CYS A 478 24.49 -1.96 -28.99
N LYS A 479 25.10 -2.38 -27.86
CA LYS A 479 25.55 -3.77 -27.60
C LYS A 479 24.36 -4.74 -27.54
N SER A 480 23.16 -4.22 -27.19
CA SER A 480 21.92 -4.99 -27.04
C SER A 480 21.00 -4.97 -28.27
N LEU A 481 21.44 -4.38 -29.39
CA LEU A 481 20.62 -4.28 -30.60
C LEU A 481 20.13 -5.57 -31.25
N GLY A 482 20.83 -6.68 -31.00
CA GLY A 482 20.41 -7.99 -31.53
C GLY A 482 19.56 -8.79 -30.56
N ARG A 483 19.29 -8.23 -29.37
CA ARG A 483 18.51 -8.95 -28.36
C ARG A 483 17.03 -8.66 -28.41
N LYS A 484 16.29 -9.46 -27.68
CA LYS A 484 14.86 -9.26 -27.48
C LYS A 484 14.59 -9.42 -26.00
N ILE A 485 13.52 -8.78 -25.50
CA ILE A 485 13.09 -8.91 -24.10
C ILE A 485 12.04 -10.02 -24.14
N LEU A 486 12.39 -11.18 -23.56
CA LEU A 486 11.54 -12.36 -23.61
C LEU A 486 11.04 -12.84 -22.26
N ILE A 487 11.33 -12.06 -21.22
CA ILE A 487 10.87 -12.30 -19.84
C ILE A 487 9.50 -11.60 -19.68
N PRO A 488 8.68 -11.90 -18.64
CA PRO A 488 7.38 -11.19 -18.52
C PRO A 488 7.57 -9.68 -18.43
N ALA A 489 6.83 -8.94 -19.26
CA ALA A 489 6.96 -7.50 -19.40
C ALA A 489 5.60 -6.80 -19.50
N LEU A 490 5.48 -5.63 -18.86
CA LEU A 490 4.27 -4.83 -18.87
C LEU A 490 4.60 -3.38 -19.22
N MET A 491 3.85 -2.81 -20.20
CA MET A 491 3.98 -1.42 -20.56
C MET A 491 2.69 -0.69 -20.16
N VAL A 492 2.81 0.32 -19.28
CA VAL A 492 1.65 1.12 -18.84
C VAL A 492 1.78 2.53 -19.39
N THR A 493 0.87 2.90 -20.28
CA THR A 493 0.85 4.22 -20.89
C THR A 493 -0.14 5.13 -20.16
N ALA A 494 0.15 6.44 -20.15
CA ALA A 494 -0.68 7.46 -19.50
C ALA A 494 -1.20 8.40 -20.59
N GLU A 495 -2.52 8.43 -20.81
CA GLU A 495 -3.18 9.25 -21.84
C GLU A 495 -2.62 10.67 -22.02
N LYS A 496 -2.56 11.43 -20.91
CA LYS A 496 -2.16 12.83 -20.92
C LYS A 496 -0.72 13.15 -20.53
N ASP A 497 0.18 12.17 -20.68
CA ASP A 497 1.59 12.47 -20.45
C ASP A 497 2.02 13.05 -21.79
N PHE A 498 2.21 14.39 -21.82
CA PHE A 498 2.58 15.09 -23.06
C PHE A 498 4.05 15.06 -23.40
N VAL A 499 4.88 14.35 -22.59
CA VAL A 499 6.32 14.17 -22.86
C VAL A 499 6.53 12.71 -23.29
N LEU A 500 6.12 11.77 -22.41
CA LEU A 500 6.21 10.32 -22.65
C LEU A 500 4.83 9.90 -23.11
N VAL A 501 4.52 10.26 -24.35
CA VAL A 501 3.23 10.04 -25.00
C VAL A 501 2.96 8.56 -25.24
N PRO A 502 1.70 8.09 -25.12
CA PRO A 502 1.42 6.66 -25.38
C PRO A 502 1.88 6.13 -26.73
N GLN A 503 1.85 6.97 -27.80
CA GLN A 503 2.29 6.58 -29.14
C GLN A 503 3.79 6.30 -29.30
N MET A 504 4.63 6.82 -28.37
CA MET A 504 6.08 6.58 -28.34
C MET A 504 6.38 5.09 -28.06
N SER A 505 5.38 4.35 -27.51
CA SER A 505 5.47 2.93 -27.15
C SER A 505 4.94 1.96 -28.25
N GLN A 506 4.34 2.51 -29.35
CA GLN A 506 3.72 1.76 -30.44
C GLN A 506 4.50 0.61 -31.10
N HIS A 507 5.84 0.69 -31.15
CA HIS A 507 6.65 -0.34 -31.80
C HIS A 507 7.32 -1.34 -30.87
N MET A 508 6.97 -1.30 -29.58
CA MET A 508 7.55 -2.15 -28.55
C MET A 508 7.43 -3.66 -28.78
N GLU A 509 6.30 -4.16 -29.32
CA GLU A 509 6.18 -5.61 -29.60
C GLU A 509 7.19 -6.18 -30.59
N ASP A 510 7.88 -5.32 -31.37
CA ASP A 510 8.97 -5.73 -32.28
C ASP A 510 10.18 -6.23 -31.47
N TRP A 511 10.37 -5.67 -30.26
CA TRP A 511 11.45 -5.97 -29.34
C TRP A 511 11.03 -6.84 -28.18
N ILE A 512 9.75 -6.73 -27.80
CA ILE A 512 9.14 -7.45 -26.67
C ILE A 512 7.87 -8.15 -27.20
N PRO A 513 7.99 -9.27 -27.96
CA PRO A 513 6.79 -9.91 -28.55
C PRO A 513 5.65 -10.31 -27.64
N HIS A 514 5.95 -10.73 -26.39
CA HIS A 514 4.91 -11.18 -25.45
C HIS A 514 4.45 -10.06 -24.50
N LEU A 515 4.84 -8.82 -24.79
CA LEU A 515 4.48 -7.64 -23.99
C LEU A 515 3.00 -7.59 -23.67
N LYS A 516 2.70 -7.32 -22.40
CA LYS A 516 1.36 -7.08 -21.90
C LYS A 516 1.24 -5.56 -21.71
N ARG A 517 0.02 -5.03 -21.78
CA ARG A 517 -0.18 -3.59 -21.66
C ARG A 517 -1.27 -3.21 -20.70
N GLY A 518 -1.17 -1.97 -20.21
CA GLY A 518 -2.14 -1.28 -19.37
C GLY A 518 -2.20 0.13 -19.90
N HIS A 519 -3.33 0.80 -19.72
CA HIS A 519 -3.49 2.17 -20.19
C HIS A 519 -4.38 2.92 -19.23
N ILE A 520 -3.94 4.12 -18.82
CA ILE A 520 -4.69 4.95 -17.90
C ILE A 520 -5.14 6.22 -18.57
N GLU A 521 -6.48 6.37 -18.66
CA GLU A 521 -7.16 7.54 -19.23
C GLU A 521 -7.01 8.66 -18.23
N ASP A 522 -7.01 9.92 -18.74
CA ASP A 522 -7.01 11.17 -17.98
C ASP A 522 -5.87 11.22 -16.93
N CYS A 523 -4.71 10.68 -17.31
CA CYS A 523 -3.55 10.57 -16.44
C CYS A 523 -2.37 11.29 -17.05
N GLY A 524 -1.78 12.19 -16.27
CA GLY A 524 -0.60 12.94 -16.69
C GLY A 524 0.69 12.16 -16.44
N HIS A 525 1.81 12.89 -16.41
CA HIS A 525 3.15 12.36 -16.17
C HIS A 525 3.37 11.71 -14.79
N TRP A 526 2.75 12.24 -13.72
CA TRP A 526 2.94 11.78 -12.34
C TRP A 526 1.96 10.65 -11.99
N THR A 527 2.03 9.61 -12.79
CA THR A 527 1.15 8.43 -12.78
C THR A 527 0.68 7.91 -11.44
N GLN A 528 1.65 7.63 -10.52
CA GLN A 528 1.40 7.02 -9.22
C GLN A 528 0.51 7.84 -8.32
N MET A 529 0.67 9.18 -8.31
CA MET A 529 -0.15 10.05 -7.45
C MET A 529 -1.38 10.59 -8.18
N ASP A 530 -1.31 10.60 -9.54
CA ASP A 530 -2.39 11.07 -10.41
C ASP A 530 -3.51 10.06 -10.37
N LYS A 531 -3.20 8.79 -10.67
CA LYS A 531 -4.20 7.73 -10.70
C LYS A 531 -3.73 6.52 -9.85
N PRO A 532 -3.59 6.69 -8.51
CA PRO A 532 -3.09 5.59 -7.66
C PRO A 532 -3.91 4.32 -7.66
N THR A 533 -5.24 4.43 -7.59
CA THR A 533 -6.18 3.30 -7.57
C THR A 533 -6.03 2.42 -8.82
N GLU A 534 -5.95 3.04 -9.99
CA GLU A 534 -5.83 2.34 -11.26
C GLU A 534 -4.46 1.76 -11.50
N VAL A 535 -3.39 2.45 -11.05
CA VAL A 535 -2.00 1.93 -11.10
C VAL A 535 -1.97 0.65 -10.26
N ASN A 536 -2.55 0.70 -9.03
CA ASN A 536 -2.54 -0.48 -8.15
C ASN A 536 -3.24 -1.68 -8.77
N GLN A 537 -4.42 -1.45 -9.36
CA GLN A 537 -5.21 -2.48 -10.02
C GLN A 537 -4.43 -3.14 -11.19
N ILE A 538 -3.83 -2.32 -12.07
CA ILE A 538 -3.04 -2.81 -13.21
C ILE A 538 -1.83 -3.65 -12.75
N LEU A 539 -1.01 -3.10 -11.84
CA LEU A 539 0.16 -3.77 -11.30
C LEU A 539 -0.16 -5.05 -10.58
N ILE A 540 -1.18 -5.03 -9.66
CA ILE A 540 -1.57 -6.23 -8.90
C ILE A 540 -2.07 -7.33 -9.84
N LYS A 541 -2.96 -6.98 -10.79
CA LYS A 541 -3.46 -7.96 -11.77
C LYS A 541 -2.29 -8.62 -12.54
N TRP A 542 -1.33 -7.83 -13.04
CA TRP A 542 -0.17 -8.30 -13.81
C TRP A 542 0.78 -9.12 -12.93
N LEU A 543 1.01 -8.68 -11.69
CA LEU A 543 1.86 -9.39 -10.72
C LEU A 543 1.35 -10.80 -10.42
N ASP A 544 0.06 -10.91 -10.09
CA ASP A 544 -0.57 -12.19 -9.76
C ASP A 544 -0.64 -13.16 -10.95
N SER A 545 -0.68 -12.64 -12.17
CA SER A 545 -0.72 -13.48 -13.36
C SER A 545 0.66 -13.81 -13.94
N ASP A 546 1.59 -12.82 -14.01
CA ASP A 546 2.91 -12.95 -14.63
C ASP A 546 4.17 -13.03 -13.73
N ALA A 547 4.07 -12.61 -12.46
CA ALA A 547 5.22 -12.60 -11.55
C ALA A 547 5.15 -13.62 -10.41
N ARG A 548 3.92 -14.08 -10.06
CA ARG A 548 3.60 -15.07 -9.01
C ARG A 548 3.74 -14.51 -7.60
S SO4 B . -2.17 -0.45 16.17
O1 SO4 B . -1.41 -1.64 16.54
O2 SO4 B . -1.84 0.65 17.09
O3 SO4 B . -1.84 -0.02 14.79
O4 SO4 B . -3.62 -0.74 16.30
S SO4 C . 4.74 17.64 -16.63
O1 SO4 C . 5.10 16.61 -17.60
O2 SO4 C . 5.94 18.11 -15.94
O3 SO4 C . 4.10 18.76 -17.32
O4 SO4 C . 3.80 17.09 -15.63
S SO4 D . -4.32 14.53 -1.59
O1 SO4 D . -4.80 13.78 -2.78
O2 SO4 D . -2.91 14.79 -1.72
O3 SO4 D . -5.04 15.81 -1.50
O4 SO4 D . -4.55 13.73 -0.37
S SO4 E . 19.39 5.06 -25.77
O1 SO4 E . 19.11 3.68 -26.16
O2 SO4 E . 20.40 5.63 -26.68
O3 SO4 E . 18.15 5.85 -25.86
O4 SO4 E . 19.90 5.08 -24.40
C1 GOL F . 19.61 11.97 -21.61
O1 GOL F . 18.96 13.21 -21.92
C2 GOL F . 19.03 10.68 -22.19
O2 GOL F . 18.10 10.99 -23.29
C3 GOL F . 20.21 9.70 -22.50
O3 GOL F . 20.09 8.24 -22.42
C1 GOL G . 14.38 -5.17 -34.47
O1 GOL G . 13.58 -4.00 -34.27
C2 GOL G . 14.63 -5.99 -33.18
O2 GOL G . 13.41 -6.18 -32.50
C3 GOL G . 15.37 -7.34 -33.38
O3 GOL G . 16.17 -7.71 -32.24
C1 6NX H . 10.85 14.59 -16.77
C1 6NX H . 12.86 10.90 -18.78
N2 6NX H . 10.87 13.34 -17.48
N2 6NX H . 11.69 11.75 -18.65
C3 6NX H . 11.95 12.91 -18.22
C3 6NX H . 11.76 13.00 -18.11
O4 6NX H . 12.82 13.66 -18.64
O4 6NX H . 12.61 13.82 -18.42
N5 6NX H . 11.95 11.55 -18.45
N5 6NX H . 10.77 13.21 -17.17
C6 6NX H . 12.93 10.89 -19.28
C6 6NX H . 10.16 14.46 -16.78
C7 6NX H . 12.97 9.41 -18.95
C7 6NX H . 10.97 15.18 -15.71
C8 6NX H . 13.94 8.69 -19.87
C8 6NX H . 10.30 16.44 -15.23
C9 6NX H . 13.57 8.89 -21.33
C9 6NX H . 9.93 17.35 -16.40
C10 6NX H . 13.50 10.37 -21.69
C10 6NX H . 9.08 16.63 -17.43
C11 6NX H . 12.60 11.14 -20.75
C11 6NX H . 9.74 15.36 -17.93
#